data_8VRV
#
_entry.id   8VRV
#
_cell.length_a   76.666
_cell.length_b   90.470
_cell.length_c   91.339
_cell.angle_alpha   90.00
_cell.angle_beta   90.00
_cell.angle_gamma   90.00
#
_symmetry.space_group_name_H-M   'P 21 21 21'
#
loop_
_entity.id
_entity.type
_entity.pdbx_description
1 polymer 'Capsid protein'
2 branched alpha-L-fucopyranose-(1-2)-beta-D-galactopyranose
3 non-polymer 1,2-ETHANEDIOL
4 non-polymer 'FORMIC ACID'
5 water water
#
_entity_poly.entity_id   1
_entity_poly.type   'polypeptide(L)'
_entity_poly.pdbx_seq_one_letter_code
;KPFTVPILTVEEMTNSRFPIPLEKLFTGPSGAFVVQPQNGRCTTDGVLLGTTQLSPVNICTFRGDVTHIAGTQEYTMNLA
SQNWNNYDPTEEIPAPLGTPDFVGKIQGVLTQTTRGDGSTRGHKATVSTGSVHFTPKLGSVQFSTDTSNDFETGQNTKFT
PVGVVQDGSTTHQNEPQQWVLPDYSGRDSHNVHLAPAVAPTFPGEQLLFFRSTMPGCSGYPNMNLDCLLPQEWVQHFYQE
AAPAQSDVALLRFVNPDTGRVLFECKLHKSGYVTVAHTGQHDLVIPPNGYFRFDSWVNQFYTLAPM
;
_entity_poly.pdbx_strand_id   A,B
#
# COMPACT_ATOMS: atom_id res chain seq x y z
N LYS A 1 -25.48 4.55 -15.41
CA LYS A 1 -24.27 3.73 -15.39
C LYS A 1 -24.38 2.64 -14.34
N PRO A 2 -24.27 1.38 -14.76
CA PRO A 2 -24.48 0.28 -13.80
C PRO A 2 -23.46 0.28 -12.68
N PHE A 3 -23.95 0.11 -11.47
CA PHE A 3 -23.09 -0.01 -10.30
C PHE A 3 -22.47 -1.40 -10.23
N THR A 4 -21.22 -1.46 -9.76
CA THR A 4 -20.49 -2.72 -9.61
C THR A 4 -19.57 -2.63 -8.40
N VAL A 5 -19.22 -3.79 -7.86
CA VAL A 5 -18.10 -3.88 -6.92
C VAL A 5 -16.97 -4.65 -7.60
N PRO A 6 -15.72 -4.50 -7.16
CA PRO A 6 -14.63 -5.22 -7.82
C PRO A 6 -14.78 -6.73 -7.66
N ILE A 7 -14.16 -7.46 -8.59
CA ILE A 7 -14.18 -8.91 -8.53
C ILE A 7 -13.00 -9.48 -7.75
N LEU A 8 -12.17 -8.63 -7.17
CA LEU A 8 -11.08 -9.12 -6.32
C LEU A 8 -11.62 -9.88 -5.13
N THR A 9 -10.90 -10.93 -4.75
CA THR A 9 -11.23 -11.69 -3.55
C THR A 9 -10.82 -10.91 -2.30
N VAL A 10 -11.29 -11.39 -1.16
CA VAL A 10 -10.93 -10.73 0.11
C VAL A 10 -9.41 -10.68 0.27
N GLU A 11 -8.75 -11.82 0.06
CA GLU A 11 -7.32 -11.88 0.28
C GLU A 11 -6.51 -11.10 -0.76
N GLU A 12 -7.13 -10.73 -1.89
CA GLU A 12 -6.48 -9.89 -2.89
C GLU A 12 -6.59 -8.40 -2.56
N MET A 13 -7.22 -8.03 -1.46
CA MET A 13 -7.55 -6.64 -1.18
C MET A 13 -6.84 -6.17 0.07
N THR A 14 -6.94 -4.86 0.33
CA THR A 14 -6.15 -4.16 1.34
C THR A 14 -7.04 -3.48 2.36
N ASN A 15 -6.62 -3.52 3.63
CA ASN A 15 -7.33 -2.75 4.65
C ASN A 15 -7.26 -1.27 4.34
N SER A 16 -8.38 -0.56 4.55
CA SER A 16 -8.44 0.87 4.31
C SER A 16 -8.08 1.69 5.54
N ARG A 17 -7.73 1.05 6.65
CA ARG A 17 -7.42 1.76 7.88
C ARG A 17 -5.98 1.58 8.32
N PHE A 18 -5.20 0.73 7.65
CA PHE A 18 -3.78 0.52 7.91
C PHE A 18 -3.23 -0.20 6.68
N PRO A 19 -1.97 0.03 6.30
CA PRO A 19 -1.45 -0.51 5.02
C PRO A 19 -1.02 -1.97 5.12
N ILE A 20 -2.04 -2.84 5.23
CA ILE A 20 -1.84 -4.28 5.33
C ILE A 20 -2.96 -4.99 4.58
N PRO A 21 -2.69 -6.22 4.12
CA PRO A 21 -3.73 -6.97 3.40
C PRO A 21 -4.93 -7.30 4.28
N LEU A 22 -6.08 -7.48 3.64
CA LEU A 22 -7.20 -8.10 4.32
C LEU A 22 -6.92 -9.58 4.54
N GLU A 23 -7.54 -10.11 5.59
CA GLU A 23 -7.42 -11.52 5.96
C GLU A 23 -8.74 -12.26 5.94
N LYS A 24 -9.81 -11.64 6.42
CA LYS A 24 -11.07 -12.37 6.60
C LYS A 24 -12.22 -11.40 6.71
N LEU A 25 -13.42 -11.95 6.58
CA LEU A 25 -14.68 -11.27 6.84
C LEU A 25 -15.10 -11.63 8.26
N PHE A 26 -15.48 -10.62 9.02
CA PHE A 26 -15.87 -10.77 10.42
C PHE A 26 -17.13 -9.96 10.67
N THR A 27 -18.08 -10.56 11.39
CA THR A 27 -19.23 -9.82 11.89
C THR A 27 -19.27 -9.94 13.42
N GLY A 28 -19.64 -8.86 14.06
CA GLY A 28 -19.87 -8.90 15.49
C GLY A 28 -20.73 -7.75 15.94
N PRO A 29 -21.19 -7.82 17.18
CA PRO A 29 -22.04 -6.75 17.71
C PRO A 29 -21.22 -5.52 18.04
N SER A 30 -21.81 -4.35 17.86
CA SER A 30 -21.09 -3.14 18.21
CA SER A 30 -21.08 -3.15 18.22
C SER A 30 -21.03 -2.96 19.73
N GLY A 31 -22.02 -3.48 20.46
CA GLY A 31 -22.00 -3.32 21.89
C GLY A 31 -22.20 -1.86 22.27
N ALA A 32 -21.42 -1.43 23.25
CA ALA A 32 -21.47 -0.05 23.73
C ALA A 32 -20.51 0.86 23.00
N PHE A 33 -19.86 0.36 21.95
CA PHE A 33 -19.04 1.19 21.09
C PHE A 33 -19.87 1.76 19.95
N VAL A 34 -19.60 3.00 19.63
CA VAL A 34 -20.06 3.60 18.38
C VAL A 34 -18.96 3.39 17.36
N VAL A 35 -19.35 2.90 16.19
CA VAL A 35 -18.42 2.55 15.12
C VAL A 35 -18.36 3.72 14.16
N GLN A 36 -17.27 4.45 14.17
CA GLN A 36 -17.18 5.68 13.41
C GLN A 36 -15.77 5.88 12.84
N PRO A 37 -15.24 4.88 12.13
CA PRO A 37 -13.93 5.06 11.52
C PRO A 37 -13.97 6.17 10.49
N GLN A 38 -12.81 6.77 10.23
CA GLN A 38 -12.69 7.90 9.34
C GLN A 38 -11.92 7.59 8.06
N ASN A 39 -11.08 6.56 8.09
CA ASN A 39 -10.50 5.98 6.89
C ASN A 39 -11.35 4.83 6.38
N GLY A 40 -11.28 4.58 5.08
CA GLY A 40 -12.13 3.58 4.46
C GLY A 40 -13.58 4.00 4.41
N ARG A 41 -13.84 5.30 4.19
CA ARG A 41 -15.19 5.84 4.12
C ARG A 41 -15.41 6.49 2.75
N CYS A 42 -16.42 6.00 2.05
CA CYS A 42 -16.73 6.42 0.69
C CYS A 42 -18.15 5.99 0.34
N THR A 43 -18.90 6.86 -0.34
CA THR A 43 -20.21 6.42 -0.79
C THR A 43 -20.09 5.53 -2.01
N THR A 44 -21.17 4.78 -2.28
CA THR A 44 -21.10 3.89 -3.43
C THR A 44 -21.01 4.65 -4.75
N ASP A 45 -21.43 5.93 -4.79
CA ASP A 45 -21.25 6.72 -5.99
C ASP A 45 -19.98 7.56 -5.96
N GLY A 46 -19.08 7.25 -5.01
CA GLY A 46 -17.69 7.67 -5.13
C GLY A 46 -17.31 8.96 -4.43
N VAL A 47 -18.09 9.40 -3.45
CA VAL A 47 -17.75 10.57 -2.66
C VAL A 47 -16.93 10.13 -1.46
N LEU A 48 -15.68 10.59 -1.38
CA LEU A 48 -14.83 10.28 -0.25
C LEU A 48 -15.34 11.00 1.00
N LEU A 49 -15.24 10.33 2.15
CA LEU A 49 -15.75 10.86 3.40
C LEU A 49 -14.67 10.82 4.48
N GLY A 50 -14.92 11.58 5.55
CA GLY A 50 -14.02 11.50 6.71
C GLY A 50 -12.62 11.96 6.35
N THR A 51 -11.62 11.16 6.71
CA THR A 51 -10.24 11.41 6.32
C THR A 51 -9.78 10.49 5.18
N THR A 52 -10.70 9.97 4.40
CA THR A 52 -10.33 8.96 3.43
C THR A 52 -9.70 9.57 2.20
N GLN A 53 -8.58 8.98 1.79
CA GLN A 53 -7.89 9.31 0.54
C GLN A 53 -7.66 8.01 -0.22
N LEU A 54 -7.02 8.10 -1.37
CA LEU A 54 -7.06 7.00 -2.32
C LEU A 54 -5.88 6.06 -2.21
N SER A 55 -4.77 6.49 -1.61
CA SER A 55 -3.55 5.71 -1.59
C SER A 55 -3.60 4.61 -0.52
N PRO A 56 -3.39 3.35 -0.88
CA PRO A 56 -3.28 2.31 0.14
C PRO A 56 -2.04 2.45 1.00
N VAL A 57 -0.99 3.11 0.50
CA VAL A 57 0.26 3.13 1.27
C VAL A 57 0.43 4.40 2.09
N ASN A 58 -0.42 5.42 1.89
CA ASN A 58 -0.34 6.66 2.64
C ASN A 58 -1.17 6.66 3.92
N ILE A 59 -1.78 5.55 4.28
CA ILE A 59 -2.62 5.47 5.46
C ILE A 59 -1.72 5.35 6.68
N CYS A 60 -1.93 6.22 7.67
CA CYS A 60 -1.12 6.29 8.89
C CYS A 60 0.33 6.67 8.63
N THR A 61 0.60 7.34 7.50
CA THR A 61 1.88 7.98 7.25
C THR A 61 1.80 9.44 7.65
N PHE A 62 2.96 10.03 7.89
CA PHE A 62 3.06 11.47 8.15
C PHE A 62 4.29 12.00 7.42
N ARG A 63 4.23 13.29 7.05
CA ARG A 63 5.33 13.98 6.39
C ARG A 63 5.43 15.39 6.95
N GLY A 64 6.65 15.90 7.09
CA GLY A 64 6.83 17.29 7.47
C GLY A 64 8.27 17.53 7.87
N ASP A 65 8.46 18.57 8.68
CA ASP A 65 9.75 18.87 9.28
C ASP A 65 9.66 18.62 10.77
N VAL A 66 10.80 18.35 11.41
CA VAL A 66 10.80 17.95 12.80
C VAL A 66 11.72 18.84 13.61
N THR A 67 11.41 18.93 14.90
CA THR A 67 12.16 19.70 15.87
C THR A 67 12.37 18.85 17.12
N HIS A 68 13.61 18.82 17.63
CA HIS A 68 13.94 18.03 18.79
C HIS A 68 13.41 18.68 20.06
N ILE A 69 12.81 17.88 20.94
CA ILE A 69 12.44 18.35 22.27
C ILE A 69 13.64 18.12 23.18
N ALA A 70 14.20 19.22 23.69
CA ALA A 70 15.50 19.15 24.35
C ALA A 70 15.54 18.13 25.48
N GLY A 71 16.65 17.40 25.59
CA GLY A 71 16.84 16.46 26.66
C GLY A 71 16.07 15.15 26.54
N THR A 72 15.37 14.94 25.42
CA THR A 72 14.55 13.77 25.24
C THR A 72 14.92 13.06 23.94
N GLN A 73 14.22 11.96 23.69
CA GLN A 73 14.21 11.32 22.39
C GLN A 73 12.91 11.60 21.62
N GLU A 74 12.21 12.69 21.95
CA GLU A 74 10.97 13.09 21.29
C GLU A 74 11.22 14.18 20.25
N TYR A 75 10.44 14.12 19.17
CA TYR A 75 10.50 15.07 18.07
C TYR A 75 9.09 15.52 17.71
N THR A 76 8.94 16.82 17.49
CA THR A 76 7.69 17.39 17.04
C THR A 76 7.70 17.56 15.53
N MET A 77 6.67 17.03 14.87
CA MET A 77 6.55 17.15 13.43
C MET A 77 5.51 18.22 13.08
N ASN A 78 5.95 19.23 12.35
CA ASN A 78 5.07 20.18 11.70
C ASN A 78 4.64 19.58 10.36
N LEU A 79 3.35 19.23 10.25
CA LEU A 79 2.88 18.46 9.10
C LEU A 79 2.86 19.25 7.81
N ALA A 80 3.30 18.58 6.75
CA ALA A 80 3.06 18.96 5.36
C ALA A 80 2.00 18.05 4.77
N SER A 81 1.56 18.41 3.56
CA SER A 81 0.65 17.56 2.81
C SER A 81 1.39 16.40 2.17
N GLN A 82 0.61 15.51 1.54
CA GLN A 82 1.16 14.27 0.95
C GLN A 82 2.26 14.56 -0.07
N ASN A 83 2.23 15.71 -0.73
CA ASN A 83 3.21 16.07 -1.74
C ASN A 83 4.08 17.24 -1.31
N TRP A 84 4.21 17.44 0.00
CA TRP A 84 5.14 18.36 0.66
C TRP A 84 4.72 19.81 0.60
N ASN A 85 3.47 20.08 0.24
CA ASN A 85 2.94 21.44 0.35
C ASN A 85 2.46 21.70 1.77
N ASN A 86 2.18 22.96 2.06
CA ASN A 86 1.71 23.31 3.39
C ASN A 86 0.39 22.60 3.67
N TYR A 87 0.22 22.17 4.93
CA TYR A 87 -1.04 21.59 5.36
C TYR A 87 -2.04 22.69 5.68
N ASP A 88 -3.21 22.63 5.07
CA ASP A 88 -4.28 23.60 5.27
C ASP A 88 -5.25 23.13 6.35
N PRO A 89 -5.16 23.66 7.58
CA PRO A 89 -6.16 23.30 8.60
C PRO A 89 -7.55 23.88 8.35
N THR A 90 -7.71 24.78 7.37
CA THR A 90 -9.02 25.37 7.07
C THR A 90 -9.93 24.45 6.27
N GLU A 91 -9.37 23.44 5.62
CA GLU A 91 -10.17 22.45 4.91
C GLU A 91 -11.17 21.80 5.85
N GLU A 92 -12.39 21.54 5.36
CA GLU A 92 -13.47 21.03 6.21
C GLU A 92 -13.41 19.50 6.26
N ILE A 93 -12.33 19.05 6.90
CA ILE A 93 -12.08 17.63 7.14
C ILE A 93 -11.63 17.48 8.57
N PRO A 94 -11.78 16.29 9.15
CA PRO A 94 -11.48 16.15 10.59
C PRO A 94 -10.02 16.33 10.90
N ALA A 95 -9.17 16.07 9.93
CA ALA A 95 -7.72 15.96 10.08
C ALA A 95 -7.16 15.67 8.70
N PRO A 96 -5.85 15.76 8.50
CA PRO A 96 -5.29 15.43 7.19
C PRO A 96 -5.79 14.07 6.71
N LEU A 97 -6.01 13.95 5.41
CA LEU A 97 -6.40 12.67 4.86
C LEU A 97 -5.35 11.62 5.18
N GLY A 98 -5.80 10.44 5.63
CA GLY A 98 -4.92 9.34 5.98
C GLY A 98 -4.48 9.30 7.44
N THR A 99 -4.82 10.33 8.22
CA THR A 99 -4.50 10.36 9.65
C THR A 99 -5.06 9.10 10.31
N PRO A 100 -4.32 8.48 11.25
CA PRO A 100 -4.91 7.36 12.01
C PRO A 100 -6.26 7.71 12.60
N ASP A 101 -7.19 6.77 12.54
CA ASP A 101 -8.53 6.98 13.09
C ASP A 101 -8.82 6.12 14.31
N PHE A 102 -7.78 5.76 15.07
CA PHE A 102 -7.97 5.03 16.31
C PHE A 102 -6.93 5.48 17.31
N VAL A 103 -7.24 5.30 18.60
CA VAL A 103 -6.31 5.57 19.68
C VAL A 103 -5.41 4.35 19.90
N GLY A 104 -4.11 4.57 19.78
CA GLY A 104 -3.15 3.51 19.96
C GLY A 104 -1.76 4.06 19.71
N LYS A 105 -0.78 3.17 19.89
CA LYS A 105 0.62 3.54 19.73
C LYS A 105 1.12 2.84 18.47
N ILE A 106 1.34 3.61 17.42
CA ILE A 106 1.73 3.08 16.13
C ILE A 106 3.25 3.22 16.02
N GLN A 107 3.93 2.09 15.85
CA GLN A 107 5.37 2.09 15.72
C GLN A 107 5.71 1.98 14.24
N GLY A 108 6.79 2.64 13.88
CA GLY A 108 7.32 2.56 12.54
C GLY A 108 8.67 3.23 12.52
N VAL A 109 8.96 3.94 11.43
CA VAL A 109 10.30 4.47 11.21
C VAL A 109 10.18 5.89 10.66
N LEU A 110 10.89 6.83 11.31
CA LEU A 110 11.05 8.18 10.77
C LEU A 110 12.32 8.21 9.92
N THR A 111 12.16 8.65 8.68
CA THR A 111 13.26 8.80 7.75
C THR A 111 13.38 10.25 7.32
N GLN A 112 14.61 10.65 6.96
CA GLN A 112 14.84 12.04 6.58
C GLN A 112 15.98 12.09 5.58
N THR A 113 15.87 13.04 4.66
CA THR A 113 16.91 13.36 3.69
C THR A 113 17.30 14.81 3.88
N THR A 114 18.61 15.08 3.89
CA THR A 114 19.13 16.44 3.86
C THR A 114 19.22 16.86 2.39
N ARG A 115 18.47 17.90 2.00
CA ARG A 115 18.35 18.13 0.56
C ARG A 115 19.67 18.58 -0.06
N GLY A 116 20.52 19.27 0.70
CA GLY A 116 21.71 19.86 0.12
C GLY A 116 22.75 18.85 -0.34
N ASP A 117 22.83 17.70 0.33
CA ASP A 117 23.84 16.71 -0.02
C ASP A 117 23.30 15.29 -0.17
N GLY A 118 22.00 15.07 0.02
CA GLY A 118 21.47 13.74 -0.11
C GLY A 118 21.79 12.78 0.99
N SER A 119 22.31 13.26 2.13
CA SER A 119 22.51 12.38 3.28
C SER A 119 21.15 11.98 3.85
N THR A 120 21.09 10.78 4.41
CA THR A 120 19.82 10.21 4.89
C THR A 120 20.01 9.58 6.26
N ARG A 121 18.88 9.41 6.95
CA ARG A 121 18.87 8.82 8.28
C ARG A 121 17.49 8.26 8.60
N GLY A 122 17.47 7.29 9.49
CA GLY A 122 16.22 6.63 9.83
C GLY A 122 16.26 6.09 11.25
N HIS A 123 15.17 6.28 12.00
CA HIS A 123 15.12 5.84 13.37
C HIS A 123 13.74 5.31 13.74
N LYS A 124 13.75 4.30 14.60
CA LYS A 124 12.50 3.79 15.18
C LYS A 124 11.73 4.95 15.81
N ALA A 125 10.43 4.97 15.55
CA ALA A 125 9.57 6.04 16.03
C ALA A 125 8.19 5.47 16.37
N THR A 126 7.57 6.03 17.40
CA THR A 126 6.22 5.65 17.76
C THR A 126 5.38 6.91 17.91
N VAL A 127 4.17 6.88 17.36
CA VAL A 127 3.23 7.97 17.56
C VAL A 127 2.08 7.44 18.41
N SER A 128 1.83 8.13 19.53
CA SER A 128 0.75 7.80 20.46
C SER A 128 -0.43 8.71 20.12
N THR A 129 -1.46 8.15 19.48
CA THR A 129 -2.52 9.01 18.96
C THR A 129 -3.53 9.44 20.04
N GLY A 130 -3.46 8.89 21.25
CA GLY A 130 -4.20 9.36 22.39
C GLY A 130 -3.48 10.41 23.21
N SER A 131 -2.27 10.78 22.80
CA SER A 131 -1.44 11.73 23.52
C SER A 131 -1.96 13.16 23.36
N VAL A 132 -1.67 13.99 24.37
CA VAL A 132 -2.04 15.40 24.32
C VAL A 132 -1.39 16.11 23.15
N HIS A 133 -0.24 15.62 22.70
CA HIS A 133 0.53 16.23 21.63
C HIS A 133 0.17 15.68 20.27
N PHE A 134 -0.79 14.77 20.19
CA PHE A 134 -1.32 14.30 18.90
C PHE A 134 -2.38 15.29 18.45
N THR A 135 -1.97 16.27 17.64
CA THR A 135 -2.88 17.32 17.18
C THR A 135 -2.76 17.51 15.67
N PRO A 136 -2.98 16.44 14.90
CA PRO A 136 -2.82 16.55 13.44
C PRO A 136 -3.71 17.60 12.79
N LYS A 137 -4.92 17.83 13.31
CA LYS A 137 -5.78 18.86 12.74
C LYS A 137 -5.18 20.25 12.92
N LEU A 138 -4.41 20.46 13.98
CA LEU A 138 -3.68 21.71 14.19
C LEU A 138 -2.35 21.75 13.44
N GLY A 139 -1.96 20.63 12.83
CA GLY A 139 -0.75 20.58 12.05
C GLY A 139 0.48 20.10 12.77
N SER A 140 0.36 19.43 13.93
CA SER A 140 1.49 19.00 14.73
C SER A 140 1.21 17.64 15.36
N VAL A 141 2.19 16.74 15.27
CA VAL A 141 2.17 15.49 16.01
C VAL A 141 3.57 15.26 16.58
N GLN A 142 3.64 14.48 17.65
CA GLN A 142 4.87 14.20 18.35
C GLN A 142 5.23 12.72 18.22
N PHE A 143 6.50 12.44 17.95
CA PHE A 143 7.03 11.08 17.88
C PHE A 143 8.03 10.80 18.99
N SER A 144 7.93 9.62 19.59
CA SER A 144 8.99 9.12 20.47
C SER A 144 9.94 8.25 19.65
N THR A 145 11.25 8.50 19.74
CA THR A 145 12.20 7.82 18.86
C THR A 145 13.31 7.18 19.68
N ASP A 146 14.25 6.55 18.98
CA ASP A 146 15.41 5.96 19.63
C ASP A 146 16.67 6.81 19.44
N THR A 147 16.51 8.11 19.19
CA THR A 147 17.63 9.02 19.05
C THR A 147 17.34 10.32 19.78
N SER A 148 18.42 10.96 20.24
CA SER A 148 18.32 12.30 20.81
C SER A 148 19.13 13.32 20.03
N ASN A 149 19.71 12.95 18.89
CA ASN A 149 20.52 13.95 18.17
C ASN A 149 20.73 13.72 16.68
N ASP A 150 19.99 12.80 16.07
CA ASP A 150 20.20 12.47 14.66
C ASP A 150 18.96 12.73 13.81
N PHE A 151 18.27 13.86 14.02
CA PHE A 151 17.39 14.44 13.02
C PHE A 151 17.64 15.94 12.92
N GLU A 152 17.68 16.44 11.70
CA GLU A 152 17.92 17.85 11.42
C GLU A 152 16.60 18.61 11.33
N THR A 153 16.66 19.91 11.61
CA THR A 153 15.57 20.82 11.33
C THR A 153 15.53 21.22 9.86
N GLY A 154 14.34 21.62 9.40
CA GLY A 154 14.16 22.16 8.08
C GLY A 154 14.42 21.17 6.96
N GLN A 155 14.24 19.88 7.23
CA GLN A 155 14.47 18.85 6.22
C GLN A 155 13.28 17.91 6.16
N ASN A 156 12.92 17.53 4.95
CA ASN A 156 11.80 16.59 4.74
C ASN A 156 11.96 15.31 5.54
N THR A 157 10.93 14.97 6.30
CA THR A 157 10.92 13.82 7.19
C THR A 157 9.61 13.06 6.98
N LYS A 158 9.69 11.74 6.92
CA LYS A 158 8.51 10.89 6.74
C LYS A 158 8.44 9.82 7.81
N PHE A 159 7.21 9.51 8.25
CA PHE A 159 6.91 8.38 9.13
C PHE A 159 6.23 7.29 8.31
N THR A 160 6.84 6.11 8.30
CA THR A 160 6.26 4.92 7.68
C THR A 160 5.77 4.00 8.77
N PRO A 161 4.47 3.70 8.82
CA PRO A 161 3.96 2.82 9.87
C PRO A 161 4.34 1.37 9.62
N VAL A 162 4.52 0.62 10.71
CA VAL A 162 4.78 -0.81 10.67
C VAL A 162 3.74 -1.61 11.44
N GLY A 163 3.47 -1.22 12.68
CA GLY A 163 2.56 -2.00 13.50
C GLY A 163 2.23 -1.24 14.75
N VAL A 164 1.75 -1.97 15.77
CA VAL A 164 1.30 -1.34 17.00
C VAL A 164 1.97 -2.00 18.20
N VAL A 165 1.99 -1.26 19.31
CA VAL A 165 2.60 -1.71 20.55
C VAL A 165 1.63 -1.55 21.72
N GLN A 166 2.01 -2.19 22.83
CA GLN A 166 1.23 -2.19 24.04
C GLN A 166 2.24 -2.35 25.18
N ASP A 167 1.96 -1.72 26.33
CA ASP A 167 2.82 -1.84 27.50
C ASP A 167 2.45 -3.13 28.21
N GLY A 168 3.31 -4.15 28.07
CA GLY A 168 3.01 -5.47 28.61
C GLY A 168 2.94 -5.52 30.12
N SER A 169 3.50 -4.53 30.81
CA SER A 169 3.36 -4.47 32.27
C SER A 169 1.97 -4.03 32.68
N THR A 170 1.09 -3.74 31.72
CA THR A 170 -0.29 -3.34 31.97
C THR A 170 -1.23 -4.31 31.26
N THR A 171 -2.52 -4.17 31.55
CA THR A 171 -3.53 -5.13 31.11
C THR A 171 -3.41 -5.48 29.62
N HIS A 172 -3.31 -6.76 29.32
CA HIS A 172 -3.05 -7.15 27.94
C HIS A 172 -4.22 -6.84 27.03
N GLN A 173 -3.88 -6.47 25.79
CA GLN A 173 -4.80 -6.08 24.74
C GLN A 173 -5.64 -4.85 25.11
N ASN A 174 -5.16 -4.02 26.03
CA ASN A 174 -5.88 -2.81 26.43
C ASN A 174 -5.72 -1.68 25.42
N GLU A 175 -4.82 -1.82 24.45
CA GLU A 175 -4.65 -0.86 23.37
C GLU A 175 -4.06 -1.62 22.19
N PRO A 176 -4.24 -1.11 20.97
CA PRO A 176 -5.08 -0.01 20.53
C PRO A 176 -6.54 -0.21 20.86
N GLN A 177 -7.30 0.87 20.76
CA GLN A 177 -8.76 0.85 20.85
C GLN A 177 -9.29 1.29 19.48
N GLN A 178 -9.65 0.32 18.64
CA GLN A 178 -9.88 0.64 17.22
C GLN A 178 -11.15 1.46 17.01
N TRP A 179 -12.09 1.46 17.95
CA TRP A 179 -13.30 2.26 17.78
C TRP A 179 -13.30 3.53 18.61
N VAL A 180 -12.14 3.94 19.13
CA VAL A 180 -12.02 5.22 19.82
C VAL A 180 -11.25 6.16 18.91
N LEU A 181 -11.94 7.18 18.41
CA LEU A 181 -11.28 8.18 17.59
C LEU A 181 -10.31 9.02 18.42
N PRO A 182 -9.14 9.35 17.88
CA PRO A 182 -8.33 10.42 18.47
C PRO A 182 -9.15 11.71 18.55
N ASP A 183 -8.72 12.61 19.43
CA ASP A 183 -9.14 14.01 19.38
C ASP A 183 -8.15 14.75 18.51
N TYR A 184 -8.55 14.99 17.27
CA TYR A 184 -7.60 15.41 16.24
C TYR A 184 -6.99 16.77 16.52
N SER A 185 -7.67 17.61 17.31
CA SER A 185 -7.14 18.91 17.71
C SER A 185 -6.68 18.93 19.17
N GLY A 186 -6.54 17.77 19.80
CA GLY A 186 -5.95 17.74 21.13
C GLY A 186 -6.95 17.88 22.25
N ARG A 187 -6.41 18.02 23.47
CA ARG A 187 -7.22 17.92 24.67
C ARG A 187 -8.29 19.00 24.68
N ASP A 188 -9.48 18.60 25.12
CA ASP A 188 -10.63 19.46 25.31
C ASP A 188 -11.14 20.05 24.01
N SER A 189 -10.66 19.57 22.87
CA SER A 189 -11.20 19.97 21.58
C SER A 189 -12.27 18.98 21.15
N HIS A 190 -13.00 19.35 20.11
CA HIS A 190 -14.05 18.50 19.59
C HIS A 190 -13.88 18.27 18.11
N ASN A 191 -13.85 17.00 17.74
CA ASN A 191 -13.74 16.62 16.35
C ASN A 191 -14.89 17.20 15.55
N VAL A 192 -14.60 17.57 14.30
CA VAL A 192 -15.57 18.10 13.37
C VAL A 192 -15.43 17.41 12.01
N HIS A 193 -16.50 17.48 11.21
CA HIS A 193 -16.53 16.99 9.83
C HIS A 193 -16.37 15.48 9.73
N LEU A 194 -16.78 14.75 10.77
CA LEU A 194 -16.60 13.30 10.78
C LEU A 194 -17.55 12.62 9.79
N ALA A 195 -17.05 11.56 9.16
CA ALA A 195 -17.96 10.62 8.52
C ALA A 195 -18.88 10.02 9.59
N PRO A 196 -20.14 9.75 9.28
CA PRO A 196 -21.08 9.34 10.34
C PRO A 196 -20.78 7.99 10.96
N ALA A 197 -21.24 7.82 12.20
CA ALA A 197 -21.26 6.49 12.79
C ALA A 197 -22.21 5.60 12.00
N VAL A 198 -21.91 4.31 12.00
CA VAL A 198 -22.71 3.33 11.29
C VAL A 198 -23.17 2.25 12.27
N ALA A 199 -24.38 1.76 12.02
CA ALA A 199 -24.96 0.72 12.85
C ALA A 199 -26.01 -0.02 12.06
N PRO A 200 -26.30 -1.27 12.38
CA PRO A 200 -27.43 -1.94 11.76
C PRO A 200 -28.73 -1.34 12.26
N THR A 201 -29.74 -1.35 11.40
CA THR A 201 -31.03 -0.75 11.76
C THR A 201 -32.19 -1.71 11.56
N PHE A 202 -31.94 -2.91 11.08
CA PHE A 202 -32.95 -3.87 10.70
C PHE A 202 -32.86 -5.07 11.60
N PRO A 203 -33.98 -5.71 11.95
CA PRO A 203 -33.90 -6.76 12.98
C PRO A 203 -33.00 -7.90 12.55
N GLY A 204 -32.10 -8.28 13.44
CA GLY A 204 -31.24 -9.39 13.20
C GLY A 204 -29.98 -9.07 12.42
N GLU A 205 -29.71 -7.81 12.14
CA GLU A 205 -28.53 -7.47 11.37
C GLU A 205 -27.36 -7.01 12.24
N GLN A 206 -26.16 -7.15 11.66
CA GLN A 206 -24.92 -6.65 12.24
C GLN A 206 -24.11 -6.07 11.10
N LEU A 207 -23.17 -5.20 11.45
CA LEU A 207 -22.14 -4.80 10.49
C LEU A 207 -21.34 -6.02 10.06
N LEU A 208 -20.94 -6.02 8.80
CA LEU A 208 -19.93 -6.93 8.26
C LEU A 208 -18.65 -6.15 8.06
N PHE A 209 -17.56 -6.67 8.61
CA PHE A 209 -16.26 -5.99 8.55
C PHE A 209 -15.27 -6.75 7.70
N PHE A 210 -14.36 -5.99 7.11
CA PHE A 210 -13.21 -6.52 6.38
C PHE A 210 -12.03 -6.42 7.35
N ARG A 211 -11.56 -7.56 7.84
CA ARG A 211 -10.68 -7.60 9.00
C ARG A 211 -9.24 -7.96 8.63
N SER A 212 -8.31 -7.27 9.29
CA SER A 212 -6.89 -7.62 9.25
C SER A 212 -6.37 -7.69 10.67
N THR A 213 -5.17 -8.25 10.81
CA THR A 213 -4.41 -8.28 12.05
C THR A 213 -3.21 -7.36 11.87
N MET A 214 -3.19 -6.26 12.62
CA MET A 214 -2.05 -5.37 12.56
C MET A 214 -0.81 -6.07 13.12
N PRO A 215 0.35 -5.89 12.51
CA PRO A 215 1.57 -6.41 13.16
C PRO A 215 1.75 -5.79 14.54
N GLY A 216 2.23 -6.61 15.47
CA GLY A 216 2.61 -6.14 16.79
C GLY A 216 4.12 -6.06 16.88
N CYS A 217 4.61 -4.97 17.48
CA CYS A 217 6.03 -4.74 17.56
C CYS A 217 6.58 -4.85 18.98
N SER A 218 5.70 -4.94 19.99
CA SER A 218 6.13 -5.03 21.37
C SER A 218 4.90 -5.19 22.24
N GLY A 219 5.02 -5.97 23.31
CA GLY A 219 3.91 -6.13 24.22
C GLY A 219 2.79 -6.99 23.67
N TYR A 220 1.57 -6.70 24.14
CA TYR A 220 0.38 -7.50 23.92
C TYR A 220 -0.74 -6.63 23.35
N PRO A 221 -0.52 -6.05 22.18
CA PRO A 221 -1.56 -5.20 21.59
C PRO A 221 -2.76 -6.00 21.15
N ASN A 222 -3.91 -5.33 21.13
CA ASN A 222 -5.08 -5.80 20.41
C ASN A 222 -4.89 -5.46 18.94
N MET A 223 -4.64 -6.47 18.13
CA MET A 223 -4.20 -6.27 16.77
C MET A 223 -5.36 -6.29 15.78
N ASN A 224 -6.59 -6.48 16.24
CA ASN A 224 -7.71 -6.55 15.32
C ASN A 224 -7.98 -5.20 14.68
N LEU A 225 -8.20 -5.20 13.36
CA LEU A 225 -8.49 -3.96 12.65
C LEU A 225 -9.55 -4.23 11.60
N ASP A 226 -10.74 -3.71 11.86
CA ASP A 226 -11.91 -3.85 11.02
C ASP A 226 -12.15 -2.59 10.21
N CYS A 227 -12.24 -2.73 8.89
CA CYS A 227 -12.65 -1.59 8.05
C CYS A 227 -14.01 -1.88 7.41
N LEU A 228 -14.70 -0.80 7.04
CA LEU A 228 -16.05 -0.93 6.50
C LEU A 228 -16.03 -1.22 5.01
N LEU A 229 -14.95 -0.86 4.32
CA LEU A 229 -14.80 -1.06 2.89
C LEU A 229 -13.33 -1.34 2.62
N PRO A 230 -13.01 -2.34 1.78
CA PRO A 230 -11.62 -2.48 1.30
C PRO A 230 -11.16 -1.20 0.62
N GLN A 231 -9.85 -0.94 0.70
CA GLN A 231 -9.31 0.22 0.02
C GLN A 231 -9.60 0.14 -1.48
N GLU A 232 -9.60 -1.08 -2.03
CA GLU A 232 -9.88 -1.22 -3.46
C GLU A 232 -11.32 -0.86 -3.80
N TRP A 233 -12.25 -1.02 -2.85
CA TRP A 233 -13.63 -0.58 -3.13
C TRP A 233 -13.72 0.94 -3.13
N VAL A 234 -12.99 1.59 -2.21
CA VAL A 234 -12.91 3.05 -2.22
C VAL A 234 -12.41 3.52 -3.58
N GLN A 235 -11.29 2.96 -4.05
CA GLN A 235 -10.72 3.35 -5.33
C GLN A 235 -11.70 3.09 -6.48
N HIS A 236 -12.41 1.97 -6.42
CA HIS A 236 -13.34 1.60 -7.48
C HIS A 236 -14.51 2.57 -7.53
N PHE A 237 -15.16 2.80 -6.39
CA PHE A 237 -16.31 3.70 -6.42
C PHE A 237 -15.90 5.10 -6.83
N TYR A 238 -14.74 5.57 -6.35
CA TYR A 238 -14.30 6.91 -6.68
C TYR A 238 -14.18 7.08 -8.18
N GLN A 239 -13.73 6.04 -8.86
CA GLN A 239 -13.55 6.17 -10.30
C GLN A 239 -14.84 5.93 -11.07
N GLU A 240 -15.62 4.95 -10.62
CA GLU A 240 -16.83 4.55 -11.35
C GLU A 240 -17.93 5.59 -11.20
N ALA A 241 -18.13 6.08 -9.97
CA ALA A 241 -19.15 7.11 -9.70
C ALA A 241 -20.49 6.74 -10.30
N ALA A 242 -20.86 5.47 -10.14
CA ALA A 242 -22.16 4.98 -10.60
C ALA A 242 -23.26 5.46 -9.66
N PRO A 243 -24.31 6.07 -10.16
CA PRO A 243 -25.36 6.58 -9.25
C PRO A 243 -26.08 5.45 -8.54
N ALA A 244 -26.37 5.69 -7.26
CA ALA A 244 -27.13 4.74 -6.48
C ALA A 244 -28.61 4.85 -6.83
N GLN A 245 -29.24 3.73 -7.18
CA GLN A 245 -30.65 3.73 -7.54
C GLN A 245 -31.57 3.52 -6.34
N SER A 246 -31.02 3.17 -5.19
CA SER A 246 -31.76 3.12 -3.93
C SER A 246 -30.72 3.27 -2.82
N ASP A 247 -31.18 3.18 -1.57
CA ASP A 247 -30.27 3.32 -0.45
C ASP A 247 -29.48 2.05 -0.14
N VAL A 248 -29.79 0.92 -0.78
CA VAL A 248 -29.20 -0.36 -0.44
C VAL A 248 -28.92 -1.17 -1.68
N ALA A 249 -27.65 -1.54 -1.90
CA ALA A 249 -27.21 -2.45 -2.95
C ALA A 249 -27.11 -3.85 -2.37
N LEU A 250 -27.89 -4.78 -2.91
CA LEU A 250 -27.84 -6.17 -2.48
C LEU A 250 -26.65 -6.87 -3.16
N LEU A 251 -25.68 -7.32 -2.35
CA LEU A 251 -24.56 -8.10 -2.84
C LEU A 251 -24.71 -9.56 -2.47
N ARG A 252 -24.31 -10.43 -3.39
CA ARG A 252 -24.16 -11.86 -3.14
C ARG A 252 -22.68 -12.22 -3.18
N PHE A 253 -22.27 -13.02 -2.21
CA PHE A 253 -20.92 -13.55 -2.13
C PHE A 253 -20.93 -14.94 -2.71
N VAL A 254 -20.20 -15.13 -3.81
CA VAL A 254 -20.36 -16.29 -4.70
C VAL A 254 -19.08 -17.09 -4.70
N ASN A 255 -19.23 -18.42 -4.68
CA ASN A 255 -18.12 -19.33 -4.93
C ASN A 255 -18.08 -19.60 -6.43
N PRO A 256 -17.05 -19.13 -7.15
CA PRO A 256 -17.05 -19.33 -8.61
C PRO A 256 -16.83 -20.78 -9.04
N ASP A 257 -16.33 -21.65 -8.15
CA ASP A 257 -16.12 -23.05 -8.48
C ASP A 257 -17.43 -23.81 -8.63
N THR A 258 -18.45 -23.36 -7.92
CA THR A 258 -19.78 -23.96 -7.96
C THR A 258 -20.85 -23.03 -8.50
N GLY A 259 -20.60 -21.72 -8.53
CA GLY A 259 -21.63 -20.76 -8.86
C GLY A 259 -22.62 -20.51 -7.75
N ARG A 260 -22.46 -21.17 -6.61
CA ARG A 260 -23.42 -21.10 -5.52
C ARG A 260 -23.16 -19.89 -4.63
N VAL A 261 -24.25 -19.22 -4.25
CA VAL A 261 -24.19 -18.12 -3.30
C VAL A 261 -23.90 -18.66 -1.91
N LEU A 262 -22.89 -18.08 -1.24
CA LEU A 262 -22.58 -18.42 0.14
C LEU A 262 -23.46 -17.64 1.11
N PHE A 263 -23.60 -16.34 0.88
CA PHE A 263 -24.41 -15.46 1.72
C PHE A 263 -24.69 -14.19 0.93
N GLU A 264 -25.62 -13.40 1.43
CA GLU A 264 -25.93 -12.12 0.84
C GLU A 264 -25.87 -11.06 1.92
N CYS A 265 -25.64 -9.83 1.48
CA CYS A 265 -25.48 -8.72 2.41
C CYS A 265 -25.95 -7.44 1.76
N LYS A 266 -26.11 -6.41 2.59
CA LYS A 266 -26.52 -5.09 2.17
C LYS A 266 -25.29 -4.18 2.14
N LEU A 267 -24.98 -3.63 0.98
CA LEU A 267 -24.02 -2.53 0.86
C LEU A 267 -24.83 -1.24 0.84
N HIS A 268 -24.83 -0.54 1.96
CA HIS A 268 -25.55 0.71 2.08
C HIS A 268 -24.85 1.78 1.25
N LYS A 269 -25.65 2.63 0.60
CA LYS A 269 -25.06 3.56 -0.36
C LYS A 269 -24.10 4.54 0.31
N SER A 270 -24.23 4.78 1.63
CA SER A 270 -23.33 5.67 2.33
C SER A 270 -22.01 4.99 2.70
N GLY A 271 -21.84 3.71 2.33
CA GLY A 271 -20.54 3.05 2.35
C GLY A 271 -20.22 2.13 3.51
N TYR A 272 -21.07 1.14 3.77
CA TYR A 272 -20.83 0.13 4.79
C TYR A 272 -21.77 -1.03 4.51
N VAL A 273 -21.47 -2.17 5.14
CA VAL A 273 -22.13 -3.42 4.84
C VAL A 273 -22.78 -3.96 6.11
N THR A 274 -23.99 -4.52 5.96
CA THR A 274 -24.62 -5.32 7.01
C THR A 274 -24.98 -6.72 6.51
N VAL A 275 -25.05 -7.64 7.48
CA VAL A 275 -25.44 -9.04 7.25
C VAL A 275 -26.45 -9.41 8.32
N ALA A 276 -27.19 -10.50 8.06
CA ALA A 276 -28.18 -11.02 9.00
C ALA A 276 -27.47 -12.04 9.90
N HIS A 277 -26.91 -11.55 11.01
CA HIS A 277 -26.26 -12.40 11.98
C HIS A 277 -26.17 -11.71 13.34
N THR A 278 -26.10 -12.51 14.38
CA THR A 278 -25.93 -12.03 15.75
C THR A 278 -24.81 -12.82 16.44
N GLY A 279 -23.84 -12.09 16.97
CA GLY A 279 -22.67 -12.67 17.62
C GLY A 279 -21.40 -12.45 16.81
N GLN A 280 -20.27 -12.76 17.44
CA GLN A 280 -18.98 -12.68 16.77
C GLN A 280 -18.77 -13.92 15.92
N HIS A 281 -18.37 -13.71 14.67
CA HIS A 281 -18.20 -14.84 13.77
C HIS A 281 -17.20 -14.47 12.67
N ASP A 282 -16.18 -15.31 12.52
CA ASP A 282 -15.29 -15.30 11.35
C ASP A 282 -15.97 -16.08 10.23
N LEU A 283 -16.34 -15.41 9.14
CA LEU A 283 -17.03 -16.10 8.07
C LEU A 283 -16.10 -17.11 7.40
N VAL A 284 -16.64 -18.30 7.12
CA VAL A 284 -15.92 -19.37 6.42
C VAL A 284 -16.21 -19.21 4.92
N ILE A 285 -15.17 -18.90 4.15
CA ILE A 285 -15.33 -18.62 2.73
C ILE A 285 -14.30 -19.38 1.92
N PRO A 286 -14.62 -19.76 0.69
CA PRO A 286 -13.58 -20.24 -0.23
C PRO A 286 -12.66 -19.08 -0.60
N PRO A 287 -11.35 -19.31 -0.75
CA PRO A 287 -10.45 -18.16 -0.96
C PRO A 287 -10.65 -17.43 -2.27
N ASN A 288 -11.29 -18.07 -3.26
CA ASN A 288 -11.62 -17.43 -4.53
C ASN A 288 -13.03 -16.89 -4.57
N GLY A 289 -13.74 -16.89 -3.43
CA GLY A 289 -15.05 -16.25 -3.39
C GLY A 289 -14.96 -14.76 -3.66
N TYR A 290 -16.05 -14.20 -4.17
CA TYR A 290 -16.07 -12.77 -4.49
C TYR A 290 -17.48 -12.22 -4.31
N PHE A 291 -17.55 -10.90 -4.16
CA PHE A 291 -18.81 -10.19 -4.05
C PHE A 291 -19.32 -9.79 -5.42
N ARG A 292 -20.63 -9.89 -5.62
CA ARG A 292 -21.30 -9.56 -6.86
C ARG A 292 -22.51 -8.70 -6.57
N PHE A 293 -22.58 -7.51 -7.18
CA PHE A 293 -23.79 -6.69 -7.04
C PHE A 293 -24.91 -7.29 -7.87
N ASP A 294 -26.08 -7.50 -7.25
CA ASP A 294 -27.20 -8.13 -7.95
C ASP A 294 -28.39 -7.21 -8.17
N SER A 295 -28.74 -6.35 -7.22
CA SER A 295 -29.93 -5.53 -7.41
C SER A 295 -30.03 -4.47 -6.33
N TRP A 296 -30.75 -3.41 -6.66
CA TRP A 296 -31.06 -2.36 -5.70
C TRP A 296 -32.33 -2.70 -4.94
N VAL A 297 -32.28 -2.56 -3.62
CA VAL A 297 -33.41 -2.89 -2.74
C VAL A 297 -33.61 -1.74 -1.75
N ASN A 298 -34.59 -1.90 -0.84
CA ASN A 298 -34.86 -0.84 0.13
C ASN A 298 -34.32 -1.22 1.51
N GLN A 299 -34.48 -0.29 2.47
CA GLN A 299 -34.02 -0.51 3.83
C GLN A 299 -34.80 -1.60 4.55
N PHE A 300 -35.98 -1.96 4.05
CA PHE A 300 -36.82 -2.99 4.67
C PHE A 300 -36.68 -4.37 4.01
N TYR A 301 -35.70 -4.55 3.13
CA TYR A 301 -35.42 -5.86 2.55
C TYR A 301 -34.88 -6.81 3.62
N THR A 302 -35.40 -8.02 3.66
CA THR A 302 -34.99 -9.02 4.63
C THR A 302 -33.98 -9.94 3.97
N LEU A 303 -32.74 -9.93 4.47
CA LEU A 303 -31.69 -10.79 3.96
C LEU A 303 -31.93 -12.24 4.35
N ALA A 304 -31.51 -13.15 3.47
CA ALA A 304 -31.35 -14.53 3.85
C ALA A 304 -30.38 -14.60 5.03
N PRO A 305 -30.72 -15.28 6.11
CA PRO A 305 -29.83 -15.33 7.27
C PRO A 305 -28.45 -15.81 6.87
N MET A 306 -27.43 -15.19 7.44
CA MET A 306 -26.08 -15.68 7.24
C MET A 306 -25.92 -17.14 7.70
N LYS B 1 -14.71 -6.31 -25.48
CA LYS B 1 -14.91 -5.54 -24.26
C LYS B 1 -13.95 -4.35 -24.21
N PRO B 2 -14.47 -3.13 -24.05
CA PRO B 2 -13.61 -1.96 -24.28
C PRO B 2 -12.49 -1.87 -23.26
N PHE B 3 -11.29 -1.67 -23.76
CA PHE B 3 -10.14 -1.41 -22.92
C PHE B 3 -10.18 0.01 -22.36
N THR B 4 -9.66 0.15 -21.13
CA THR B 4 -9.61 1.42 -20.43
C THR B 4 -8.40 1.39 -19.50
N VAL B 5 -7.94 2.58 -19.13
CA VAL B 5 -7.00 2.71 -18.02
C VAL B 5 -7.68 3.53 -16.94
N PRO B 6 -7.20 3.44 -15.70
CA PRO B 6 -7.86 4.18 -14.62
C PRO B 6 -7.77 5.68 -14.83
N ILE B 7 -8.73 6.40 -14.24
CA ILE B 7 -8.75 7.85 -14.37
C ILE B 7 -8.00 8.52 -13.23
N LEU B 8 -7.36 7.73 -12.38
CA LEU B 8 -6.56 8.29 -11.29
C LEU B 8 -5.41 9.15 -11.81
N THR B 9 -5.12 10.26 -11.11
CA THR B 9 -3.98 11.10 -11.42
C THR B 9 -2.68 10.40 -10.99
N VAL B 10 -1.55 10.95 -11.44
CA VAL B 10 -0.24 10.39 -11.08
C VAL B 10 -0.08 10.35 -9.57
N GLU B 11 -0.33 11.48 -8.90
CA GLU B 11 -0.16 11.55 -7.45
C GLU B 11 -1.18 10.71 -6.68
N GLU B 12 -2.27 10.27 -7.31
CA GLU B 12 -3.26 9.37 -6.75
C GLU B 12 -2.88 7.90 -6.91
N MET B 13 -1.75 7.58 -7.51
CA MET B 13 -1.37 6.21 -7.75
C MET B 13 -0.06 5.84 -7.02
N THR B 14 0.25 4.56 -7.12
CA THR B 14 1.25 3.89 -6.30
C THR B 14 2.32 3.26 -7.18
N ASN B 15 3.57 3.39 -6.76
CA ASN B 15 4.67 2.73 -7.43
C ASN B 15 4.47 1.22 -7.33
N SER B 16 4.71 0.52 -8.43
CA SER B 16 4.57 -0.93 -8.43
C SER B 16 5.84 -1.66 -8.03
N ARG B 17 6.91 -0.94 -7.70
CA ARG B 17 8.18 -1.56 -7.35
C ARG B 17 8.58 -1.30 -5.90
N PHE B 18 7.85 -0.46 -5.17
CA PHE B 18 8.07 -0.19 -3.75
C PHE B 18 6.78 0.42 -3.23
N PRO B 19 6.38 0.13 -1.98
CA PRO B 19 5.06 0.59 -1.48
C PRO B 19 5.04 2.06 -1.07
N ILE B 20 5.12 2.92 -2.08
CA ILE B 20 5.10 4.36 -1.91
C ILE B 20 4.33 4.99 -3.07
N PRO B 21 3.83 6.21 -2.88
CA PRO B 21 3.08 6.86 -3.96
C PRO B 21 3.96 7.21 -5.14
N LEU B 22 3.34 7.28 -6.31
CA LEU B 22 3.99 7.93 -7.43
C LEU B 22 4.11 9.42 -7.17
N GLU B 23 5.13 10.02 -7.77
CA GLU B 23 5.38 11.45 -7.65
C GLU B 23 5.33 12.19 -8.97
N LYS B 24 5.87 11.61 -10.03
CA LYS B 24 6.06 12.36 -11.25
C LYS B 24 6.27 11.38 -12.40
N LEU B 25 6.31 11.95 -13.60
CA LEU B 25 6.63 11.22 -14.81
C LEU B 25 7.99 11.67 -15.33
N PHE B 26 8.75 10.70 -15.84
CA PHE B 26 10.11 10.95 -16.31
C PHE B 26 10.33 10.15 -17.59
N THR B 27 11.03 10.77 -18.55
CA THR B 27 11.49 10.05 -19.71
C THR B 27 12.96 10.34 -19.93
N GLY B 28 13.67 9.34 -20.42
CA GLY B 28 15.07 9.45 -20.73
C GLY B 28 15.49 8.31 -21.65
N PRO B 29 16.62 8.49 -22.34
CA PRO B 29 17.22 7.37 -23.09
C PRO B 29 17.62 6.26 -22.14
N SER B 30 17.51 5.00 -22.60
CA SER B 30 17.78 3.88 -21.70
C SER B 30 18.70 2.82 -22.30
N GLY B 31 19.53 3.16 -23.29
CA GLY B 31 20.58 2.23 -23.70
C GLY B 31 21.70 2.05 -22.69
N ALA B 32 21.79 2.90 -21.68
CA ALA B 32 22.82 2.72 -20.67
C ALA B 32 22.56 1.51 -19.78
N PHE B 33 21.33 1.01 -19.72
CA PHE B 33 21.03 -0.08 -18.82
C PHE B 33 20.02 -1.03 -19.45
N VAL B 34 19.93 -2.20 -18.82
CA VAL B 34 18.89 -3.16 -19.15
C VAL B 34 17.67 -2.81 -18.31
N VAL B 35 16.54 -2.57 -18.96
CA VAL B 35 15.31 -2.22 -18.28
C VAL B 35 14.48 -3.50 -18.21
N GLN B 36 14.60 -4.20 -17.09
CA GLN B 36 13.96 -5.50 -16.93
C GLN B 36 13.38 -5.65 -15.52
N PRO B 37 12.63 -4.67 -15.03
CA PRO B 37 12.01 -4.84 -13.71
C PRO B 37 11.05 -6.03 -13.74
N GLN B 38 10.83 -6.63 -12.57
CA GLN B 38 9.98 -7.80 -12.44
C GLN B 38 8.70 -7.53 -11.67
N ASN B 39 8.68 -6.49 -10.85
CA ASN B 39 7.46 -5.97 -10.26
C ASN B 39 6.89 -4.87 -11.16
N GLY B 40 5.57 -4.70 -11.12
CA GLY B 40 4.92 -3.77 -12.02
C GLY B 40 4.89 -4.23 -13.45
N ARG B 41 4.76 -5.53 -13.68
CA ARG B 41 4.74 -6.10 -15.02
C ARG B 41 3.42 -6.83 -15.23
N CYS B 42 2.69 -6.44 -16.29
CA CYS B 42 1.35 -6.94 -16.54
C CYS B 42 0.98 -6.59 -17.96
N THR B 43 0.36 -7.53 -18.68
CA THR B 43 -0.13 -7.18 -20.00
C THR B 43 -1.43 -6.37 -19.91
N THR B 44 -1.76 -5.66 -21.00
CA THR B 44 -2.97 -4.84 -20.98
C THR B 44 -4.24 -5.67 -20.84
N ASP B 45 -4.21 -6.95 -21.23
CA ASP B 45 -5.35 -7.82 -21.02
C ASP B 45 -5.24 -8.65 -19.75
N GLY B 46 -4.36 -8.24 -18.80
CA GLY B 46 -4.47 -8.69 -17.44
C GLY B 46 -3.65 -9.89 -17.03
N VAL B 47 -2.57 -10.21 -17.76
CA VAL B 47 -1.70 -11.32 -17.38
C VAL B 47 -0.51 -10.78 -16.60
N LEU B 48 -0.42 -11.18 -15.34
CA LEU B 48 0.69 -10.77 -14.50
C LEU B 48 1.98 -11.44 -14.94
N LEU B 49 3.08 -10.69 -14.90
CA LEU B 49 4.38 -11.17 -15.33
C LEU B 49 5.42 -11.04 -14.23
N GLY B 50 6.53 -11.73 -14.43
CA GLY B 50 7.65 -11.57 -13.52
C GLY B 50 7.31 -12.04 -12.11
N THR B 51 7.58 -11.17 -11.13
CA THR B 51 7.20 -11.40 -9.74
C THR B 51 6.00 -10.56 -9.32
N THR B 52 5.25 -10.05 -10.28
CA THR B 52 4.20 -9.10 -9.99
C THR B 52 3.00 -9.78 -9.34
N GLN B 53 2.50 -9.15 -8.29
CA GLN B 53 1.27 -9.55 -7.64
C GLN B 53 0.43 -8.30 -7.43
N LEU B 54 -0.79 -8.46 -6.88
CA LEU B 54 -1.79 -7.41 -6.90
C LEU B 54 -1.70 -6.43 -5.73
N SER B 55 -1.09 -6.82 -4.63
CA SER B 55 -1.19 -5.99 -3.43
C SER B 55 -0.13 -4.89 -3.44
N PRO B 56 -0.53 -3.63 -3.29
CA PRO B 56 0.49 -2.58 -3.17
C PRO B 56 1.35 -2.71 -1.94
N VAL B 57 0.84 -3.33 -0.88
CA VAL B 57 1.58 -3.38 0.36
C VAL B 57 2.40 -4.66 0.51
N ASN B 58 2.36 -5.58 -0.46
CA ASN B 58 3.22 -6.76 -0.41
C ASN B 58 4.46 -6.61 -1.28
N ILE B 59 4.65 -5.46 -1.93
CA ILE B 59 5.83 -5.22 -2.75
C ILE B 59 7.03 -5.03 -1.83
N CYS B 60 8.05 -5.88 -1.98
CA CYS B 60 9.24 -5.90 -1.12
C CYS B 60 8.93 -6.34 0.31
N THR B 61 7.80 -7.00 0.54
CA THR B 61 7.48 -7.66 1.79
C THR B 61 7.87 -9.13 1.71
N PHE B 62 8.42 -9.63 2.81
CA PHE B 62 8.73 -11.04 2.93
C PHE B 62 7.97 -11.61 4.11
N ARG B 63 7.56 -12.87 3.98
CA ARG B 63 6.90 -13.61 5.05
C ARG B 63 7.53 -14.99 5.16
N GLY B 64 7.73 -15.46 6.38
CA GLY B 64 8.25 -16.81 6.58
C GLY B 64 8.60 -17.05 8.04
N ASP B 65 9.42 -18.06 8.27
CA ASP B 65 9.94 -18.35 9.62
C ASP B 65 11.42 -18.01 9.64
N VAL B 66 11.93 -17.65 10.81
CA VAL B 66 13.30 -17.19 10.91
C VAL B 66 14.11 -18.10 11.81
N THR B 67 15.41 -18.18 11.51
CA THR B 67 16.36 -18.90 12.35
C THR B 67 17.60 -18.04 12.54
N HIS B 68 18.11 -18.05 13.77
CA HIS B 68 19.24 -17.21 14.13
C HIS B 68 20.53 -17.85 13.64
N ILE B 69 21.45 -17.02 13.15
CA ILE B 69 22.79 -17.48 12.80
C ILE B 69 23.69 -17.24 14.02
N ALA B 70 24.09 -18.34 14.66
CA ALA B 70 24.75 -18.24 15.96
C ALA B 70 25.97 -17.34 15.91
N GLY B 71 26.16 -16.56 16.98
CA GLY B 71 27.28 -15.66 17.07
C GLY B 71 27.20 -14.42 16.22
N THR B 72 26.04 -14.14 15.62
CA THR B 72 25.83 -12.96 14.78
C THR B 72 24.52 -12.29 15.20
N GLN B 73 24.19 -11.20 14.53
CA GLN B 73 22.87 -10.58 14.59
C GLN B 73 22.07 -10.82 13.30
N GLU B 74 22.42 -11.87 12.58
CA GLU B 74 21.77 -12.22 11.33
C GLU B 74 20.74 -13.32 11.55
N TYR B 75 19.70 -13.29 10.74
CA TYR B 75 18.63 -14.28 10.75
C TYR B 75 18.37 -14.69 9.32
N THR B 76 18.19 -16.00 9.13
CA THR B 76 17.74 -16.54 7.86
C THR B 76 16.22 -16.67 7.89
N MET B 77 15.55 -16.15 6.86
CA MET B 77 14.11 -16.36 6.71
C MET B 77 13.88 -17.40 5.63
N ASN B 78 13.18 -18.46 6.01
CA ASN B 78 12.69 -19.48 5.09
C ASN B 78 11.32 -19.01 4.63
N LEU B 79 11.23 -18.67 3.34
CA LEU B 79 10.09 -17.91 2.85
C LEU B 79 8.85 -18.77 2.65
N ALA B 80 7.71 -18.17 2.96
CA ALA B 80 6.36 -18.63 2.65
C ALA B 80 5.78 -17.76 1.54
N SER B 81 4.65 -18.20 0.98
CA SER B 81 3.88 -17.36 0.08
C SER B 81 3.24 -16.22 0.88
N GLN B 82 2.71 -15.22 0.16
CA GLN B 82 2.24 -14.03 0.86
C GLN B 82 0.98 -14.29 1.67
N ASN B 83 0.29 -15.42 1.46
CA ASN B 83 -0.83 -15.82 2.28
C ASN B 83 -0.48 -16.94 3.27
N TRP B 84 0.82 -17.19 3.49
CA TRP B 84 1.39 -18.18 4.43
C TRP B 84 1.27 -19.62 3.94
N ASN B 85 0.88 -19.83 2.68
CA ASN B 85 1.03 -21.16 2.10
C ASN B 85 2.50 -21.40 1.76
N ASN B 86 2.81 -22.65 1.42
CA ASN B 86 4.20 -22.99 1.09
C ASN B 86 4.63 -22.25 -0.16
N TYR B 87 5.89 -21.86 -0.19
CA TYR B 87 6.52 -21.35 -1.40
C TYR B 87 7.17 -22.53 -2.11
N ASP B 88 6.89 -22.65 -3.41
CA ASP B 88 7.36 -23.78 -4.22
C ASP B 88 8.45 -23.28 -5.15
N PRO B 89 9.72 -23.60 -4.88
CA PRO B 89 10.81 -23.10 -5.75
C PRO B 89 10.77 -23.65 -7.16
N THR B 90 9.94 -24.65 -7.44
CA THR B 90 9.88 -25.21 -8.79
C THR B 90 8.81 -24.54 -9.63
N GLU B 91 8.03 -23.64 -9.06
CA GLU B 91 7.08 -22.87 -9.87
C GLU B 91 7.87 -21.99 -10.84
N GLU B 92 7.31 -21.80 -12.03
CA GLU B 92 8.04 -21.09 -13.09
C GLU B 92 7.85 -19.58 -12.98
N ILE B 93 8.33 -19.05 -11.86
CA ILE B 93 8.43 -17.61 -11.61
C ILE B 93 9.86 -17.34 -11.19
N PRO B 94 10.35 -16.11 -11.32
CA PRO B 94 11.78 -15.85 -11.04
C PRO B 94 12.14 -15.98 -9.59
N ALA B 95 11.17 -15.81 -8.70
CA ALA B 95 11.33 -15.63 -7.28
C ALA B 95 9.94 -15.49 -6.69
N PRO B 96 9.80 -15.56 -5.37
CA PRO B 96 8.49 -15.31 -4.77
C PRO B 96 7.89 -13.98 -5.24
N LEU B 97 6.56 -13.97 -5.32
CA LEU B 97 5.89 -12.76 -5.77
C LEU B 97 6.14 -11.61 -4.79
N GLY B 98 6.46 -10.44 -5.34
CA GLY B 98 6.76 -9.27 -4.56
C GLY B 98 8.23 -9.13 -4.17
N THR B 99 9.06 -10.11 -4.47
CA THR B 99 10.48 -10.05 -4.17
C THR B 99 11.06 -8.76 -4.75
N PRO B 100 11.95 -8.07 -4.03
CA PRO B 100 12.57 -6.86 -4.62
C PRO B 100 13.24 -7.16 -5.96
N ASP B 101 13.12 -6.22 -6.90
CA ASP B 101 13.69 -6.39 -8.24
C ASP B 101 14.81 -5.39 -8.53
N PHE B 102 15.59 -5.09 -7.51
CA PHE B 102 16.78 -4.27 -7.70
C PHE B 102 17.81 -4.70 -6.68
N VAL B 103 19.07 -4.42 -7.01
CA VAL B 103 20.17 -4.64 -6.08
C VAL B 103 20.27 -3.45 -5.15
N GLY B 104 20.15 -3.73 -3.85
CA GLY B 104 20.24 -2.66 -2.86
C GLY B 104 19.99 -3.22 -1.48
N LYS B 105 20.15 -2.34 -0.53
CA LYS B 105 20.02 -2.67 0.89
C LYS B 105 18.71 -2.05 1.37
N ILE B 106 17.73 -2.90 1.64
CA ILE B 106 16.38 -2.44 2.02
C ILE B 106 16.24 -2.59 3.53
N GLN B 107 16.03 -1.47 4.21
CA GLN B 107 15.79 -1.46 5.64
C GLN B 107 14.29 -1.51 5.91
N GLY B 108 13.93 -2.27 6.91
CA GLY B 108 12.56 -2.35 7.38
C GLY B 108 12.51 -2.93 8.79
N VAL B 109 11.45 -3.67 9.09
CA VAL B 109 11.23 -4.22 10.43
C VAL B 109 10.69 -5.64 10.30
N LEU B 110 11.26 -6.56 11.09
CA LEU B 110 10.76 -7.91 11.23
C LEU B 110 9.85 -7.98 12.45
N THR B 111 8.64 -8.52 12.30
CA THR B 111 7.69 -8.64 13.41
C THR B 111 7.11 -10.05 13.47
N GLN B 112 6.72 -10.46 14.67
CA GLN B 112 6.11 -11.77 14.87
C GLN B 112 5.30 -11.75 16.16
N THR B 113 4.36 -12.70 16.24
CA THR B 113 3.44 -12.87 17.35
C THR B 113 3.46 -14.32 17.83
N THR B 114 3.42 -14.51 19.15
CA THR B 114 3.11 -15.81 19.74
C THR B 114 1.60 -15.90 19.96
N ARG B 115 0.95 -16.83 19.24
CA ARG B 115 -0.51 -16.93 19.29
C ARG B 115 -1.01 -17.37 20.66
N GLY B 116 -0.21 -18.17 21.38
CA GLY B 116 -0.65 -18.69 22.67
C GLY B 116 -1.15 -17.62 23.62
N ASP B 117 -0.42 -16.50 23.74
CA ASP B 117 -0.87 -15.42 24.62
C ASP B 117 -0.79 -14.04 23.97
N GLY B 118 -0.46 -13.97 22.69
CA GLY B 118 -0.46 -12.69 22.00
C GLY B 118 0.75 -11.82 22.19
N SER B 119 1.87 -12.37 22.66
CA SER B 119 3.05 -11.54 22.78
C SER B 119 3.60 -11.23 21.39
N THR B 120 4.26 -10.08 21.26
CA THR B 120 4.75 -9.60 19.97
C THR B 120 6.15 -9.03 20.10
N ARG B 121 6.91 -9.15 19.00
CA ARG B 121 8.29 -8.73 18.94
C ARG B 121 8.57 -8.09 17.58
N GLY B 122 9.31 -6.99 17.62
CA GLY B 122 9.73 -6.30 16.41
C GLY B 122 11.16 -5.83 16.49
N HIS B 123 11.90 -6.03 15.40
CA HIS B 123 13.29 -5.60 15.34
C HIS B 123 13.65 -5.04 13.98
N LYS B 124 14.43 -3.96 14.01
CA LYS B 124 15.06 -3.42 12.81
C LYS B 124 15.78 -4.53 12.06
N ALA B 125 15.62 -4.50 10.73
CA ALA B 125 16.23 -5.51 9.87
C ALA B 125 16.57 -4.91 8.52
N THR B 126 17.68 -5.36 7.92
CA THR B 126 18.07 -4.95 6.58
C THR B 126 18.32 -6.19 5.73
N VAL B 127 17.82 -6.19 4.50
CA VAL B 127 18.13 -7.24 3.53
C VAL B 127 18.94 -6.61 2.41
N SER B 128 20.12 -7.17 2.17
CA SER B 128 21.02 -6.75 1.11
C SER B 128 20.77 -7.69 -0.08
N THR B 129 20.12 -7.19 -1.12
CA THR B 129 19.69 -8.08 -2.19
C THR B 129 20.83 -8.45 -3.12
N GLY B 130 21.98 -7.79 -3.03
CA GLY B 130 23.17 -8.20 -3.75
C GLY B 130 24.00 -9.25 -3.06
N SER B 131 23.63 -9.64 -1.83
CA SER B 131 24.43 -10.58 -1.04
C SER B 131 24.31 -12.00 -1.55
N VAL B 132 25.37 -12.79 -1.31
CA VAL B 132 25.34 -14.17 -1.73
C VAL B 132 24.25 -14.96 -1.04
N HIS B 133 23.79 -14.52 0.14
CA HIS B 133 22.73 -15.18 0.88
C HIS B 133 21.34 -14.69 0.51
N PHE B 134 21.23 -13.77 -0.43
CA PHE B 134 19.93 -13.37 -0.98
C PHE B 134 19.58 -14.40 -2.04
N THR B 135 18.85 -15.43 -1.62
CA THR B 135 18.48 -16.55 -2.50
C THR B 135 16.98 -16.83 -2.45
N PRO B 136 16.14 -15.80 -2.66
CA PRO B 136 14.69 -16.01 -2.55
C PRO B 136 14.13 -17.09 -3.46
N LYS B 137 14.67 -17.27 -4.67
CA LYS B 137 14.20 -18.34 -5.55
C LYS B 137 14.47 -19.72 -4.92
N LEU B 138 15.56 -19.87 -4.18
CA LEU B 138 15.79 -21.11 -3.45
C LEU B 138 14.91 -21.22 -2.20
N GLY B 139 14.29 -20.13 -1.76
CA GLY B 139 13.39 -20.12 -0.62
C GLY B 139 13.93 -19.47 0.63
N SER B 140 15.05 -18.74 0.55
CA SER B 140 15.53 -18.09 1.76
C SER B 140 16.26 -16.80 1.46
N VAL B 141 16.17 -15.87 2.42
CA VAL B 141 16.95 -14.64 2.40
C VAL B 141 17.47 -14.43 3.82
N GLN B 142 18.47 -13.56 3.91
CA GLN B 142 19.16 -13.29 5.18
C GLN B 142 18.98 -11.83 5.54
N PHE B 143 18.66 -11.58 6.81
CA PHE B 143 18.46 -10.23 7.35
C PHE B 143 19.54 -9.92 8.39
N SER B 144 20.10 -8.72 8.32
CA SER B 144 20.91 -8.13 9.39
C SER B 144 19.99 -7.43 10.38
N THR B 145 20.10 -7.73 11.68
CA THR B 145 19.15 -7.17 12.64
C THR B 145 19.90 -6.55 13.80
N ASP B 146 19.12 -6.01 14.74
CA ASP B 146 19.70 -5.44 15.96
C ASP B 146 19.59 -6.39 17.15
N THR B 147 19.40 -7.68 16.92
CA THR B 147 19.25 -8.60 18.03
C THR B 147 19.98 -9.93 17.75
N SER B 148 20.31 -10.63 18.84
CA SER B 148 20.85 -11.96 18.80
C SER B 148 19.99 -13.03 19.48
N ASN B 149 18.91 -12.62 20.15
CA ASN B 149 18.21 -13.60 20.97
C ASN B 149 16.70 -13.42 21.07
N ASP B 150 16.07 -12.54 20.30
CA ASP B 150 14.69 -12.20 20.55
C ASP B 150 13.75 -12.53 19.38
N PHE B 151 13.97 -13.64 18.72
CA PHE B 151 13.00 -14.13 17.73
C PHE B 151 12.74 -15.61 17.95
N GLU B 152 11.47 -15.99 17.97
CA GLU B 152 11.08 -17.39 17.97
C GLU B 152 11.27 -18.02 16.60
N THR B 153 11.57 -19.32 16.60
CA THR B 153 11.60 -20.13 15.40
C THR B 153 10.22 -20.74 15.17
N GLY B 154 10.02 -21.28 13.96
CA GLY B 154 8.76 -21.93 13.62
C GLY B 154 7.55 -21.05 13.79
N GLN B 155 7.70 -19.76 13.58
CA GLN B 155 6.66 -18.79 13.86
C GLN B 155 6.59 -17.76 12.74
N ASN B 156 5.38 -17.52 12.27
CA ASN B 156 5.15 -16.58 11.17
C ASN B 156 5.80 -15.24 11.49
N THR B 157 6.70 -14.78 10.60
CA THR B 157 7.44 -13.53 10.77
C THR B 157 7.34 -12.72 9.47
N LYS B 158 7.10 -11.42 9.62
CA LYS B 158 6.88 -10.53 8.48
C LYS B 158 7.98 -9.48 8.46
N PHE B 159 8.51 -9.23 7.25
CA PHE B 159 9.37 -8.07 6.98
C PHE B 159 8.53 -7.00 6.29
N THR B 160 8.35 -5.87 6.96
CA THR B 160 7.76 -4.67 6.38
C THR B 160 8.86 -3.76 5.86
N PRO B 161 8.91 -3.45 4.56
CA PRO B 161 9.96 -2.57 4.05
C PRO B 161 9.67 -1.10 4.36
N VAL B 162 10.75 -0.34 4.56
CA VAL B 162 10.63 1.10 4.80
C VAL B 162 11.40 1.92 3.77
N GLY B 163 12.66 1.59 3.53
CA GLY B 163 13.48 2.40 2.66
C GLY B 163 14.79 1.72 2.36
N VAL B 164 15.73 2.50 1.85
CA VAL B 164 17.00 1.96 1.39
C VAL B 164 18.17 2.65 2.08
N VAL B 165 19.29 1.92 2.15
CA VAL B 165 20.49 2.43 2.80
C VAL B 165 21.65 2.34 1.82
N GLN B 166 22.65 3.17 2.10
CA GLN B 166 23.91 3.16 1.38
C GLN B 166 25.02 3.08 2.41
N ASP B 167 25.89 2.09 2.28
CA ASP B 167 27.06 2.00 3.14
C ASP B 167 28.13 1.20 2.40
N GLY B 168 29.30 1.12 3.02
CA GLY B 168 30.40 0.39 2.42
C GLY B 168 31.22 1.15 1.41
N SER B 169 30.98 2.44 1.23
CA SER B 169 31.79 3.24 0.32
C SER B 169 31.59 4.69 0.65
N THR B 170 32.64 5.48 0.44
CA THR B 170 32.54 6.93 0.57
C THR B 170 31.87 7.55 -0.64
N THR B 171 31.77 6.78 -1.72
CA THR B 171 31.09 7.23 -2.93
C THR B 171 29.60 7.34 -2.66
N HIS B 172 28.99 8.34 -3.28
CA HIS B 172 27.57 8.63 -3.11
C HIS B 172 26.75 8.12 -4.28
N GLN B 173 25.52 7.72 -3.95
CA GLN B 173 24.47 7.34 -4.91
C GLN B 173 24.87 6.20 -5.83
N ASN B 174 25.78 5.34 -5.41
CA ASN B 174 26.12 4.21 -6.26
C ASN B 174 25.28 2.97 -5.97
N GLU B 175 24.37 3.04 -5.02
CA GLU B 175 23.38 2.00 -4.71
C GLU B 175 22.19 2.68 -4.08
N PRO B 176 20.99 2.07 -4.18
CA PRO B 176 20.58 0.95 -5.02
C PRO B 176 20.90 1.13 -6.48
N GLN B 177 20.92 0.00 -7.19
CA GLN B 177 21.03 -0.02 -8.65
C GLN B 177 19.69 -0.53 -9.17
N GLN B 178 18.81 0.40 -9.52
CA GLN B 178 17.43 0.03 -9.74
C GLN B 178 17.24 -0.79 -11.01
N TRP B 179 18.19 -0.74 -11.95
CA TRP B 179 18.09 -1.49 -13.19
C TRP B 179 18.97 -2.73 -13.21
N VAL B 180 19.42 -3.19 -12.05
CA VAL B 180 20.19 -4.41 -11.94
C VAL B 180 19.37 -5.38 -11.08
N LEU B 181 18.91 -6.45 -11.68
CA LEU B 181 18.17 -7.44 -10.92
C LEU B 181 19.11 -8.16 -9.97
N PRO B 182 18.64 -8.50 -8.75
CA PRO B 182 19.41 -9.44 -7.93
C PRO B 182 19.50 -10.79 -8.62
N ASP B 183 20.45 -11.60 -8.14
CA ASP B 183 20.54 -13.01 -8.51
C ASP B 183 19.61 -13.76 -7.57
N TYR B 184 18.42 -14.06 -8.06
CA TYR B 184 17.39 -14.61 -7.18
C TYR B 184 17.76 -15.98 -6.60
N SER B 185 18.62 -16.75 -7.28
CA SER B 185 19.16 -18.01 -6.77
C SER B 185 20.57 -17.89 -6.24
N GLY B 186 21.07 -16.67 -6.10
CA GLY B 186 22.45 -16.53 -5.71
C GLY B 186 23.36 -17.13 -6.76
N ARG B 187 24.49 -17.67 -6.31
CA ARG B 187 25.47 -18.21 -7.24
C ARG B 187 25.08 -19.59 -7.78
N ASP B 188 24.05 -20.22 -7.22
CA ASP B 188 23.69 -21.58 -7.63
C ASP B 188 23.11 -21.62 -9.04
N SER B 189 22.48 -20.54 -9.50
CA SER B 189 21.92 -20.52 -10.84
C SER B 189 21.66 -19.10 -11.30
N HIS B 190 21.57 -18.94 -12.62
CA HIS B 190 21.19 -17.66 -13.16
C HIS B 190 19.69 -17.44 -13.05
N ASN B 191 19.29 -16.18 -13.21
CA ASN B 191 17.89 -15.80 -13.21
C ASN B 191 17.12 -16.42 -14.37
N VAL B 192 15.92 -16.88 -14.08
CA VAL B 192 15.04 -17.52 -15.06
C VAL B 192 13.63 -16.98 -14.95
N HIS B 193 12.87 -17.18 -16.03
CA HIS B 193 11.44 -16.85 -16.08
C HIS B 193 11.20 -15.36 -15.91
N LEU B 194 12.12 -14.53 -16.40
CA LEU B 194 12.00 -13.09 -16.25
C LEU B 194 11.01 -12.47 -17.23
N ALA B 195 10.25 -11.50 -16.75
CA ALA B 195 9.51 -10.64 -17.67
C ALA B 195 10.51 -10.02 -18.65
N PRO B 196 10.10 -9.80 -19.90
CA PRO B 196 11.08 -9.37 -20.91
C PRO B 196 11.71 -8.03 -20.60
N ALA B 197 12.95 -7.87 -21.04
CA ALA B 197 13.53 -6.53 -21.09
C ALA B 197 12.71 -5.68 -22.07
N VAL B 198 12.58 -4.40 -21.77
CA VAL B 198 11.81 -3.49 -22.61
C VAL B 198 12.71 -2.41 -23.16
N ALA B 199 12.36 -1.93 -24.35
CA ALA B 199 13.15 -0.93 -25.06
C ALA B 199 12.25 -0.21 -26.05
N PRO B 200 12.48 1.07 -26.29
CA PRO B 200 11.82 1.72 -27.43
C PRO B 200 12.29 1.07 -28.74
N THR B 201 11.36 0.95 -29.69
CA THR B 201 11.65 0.28 -30.97
C THR B 201 11.07 1.04 -32.14
N PHE B 202 10.68 2.27 -31.93
CA PHE B 202 10.14 3.12 -32.97
C PHE B 202 10.96 4.40 -32.98
N PRO B 203 11.30 4.91 -34.17
CA PRO B 203 12.23 6.04 -34.19
C PRO B 203 11.71 7.22 -33.38
N GLY B 204 12.61 7.82 -32.62
CA GLY B 204 12.31 9.00 -31.85
C GLY B 204 11.64 8.73 -30.52
N GLU B 205 11.44 7.48 -30.14
CA GLU B 205 10.70 7.18 -28.92
C GLU B 205 11.64 6.81 -27.77
N GLN B 206 11.16 7.07 -26.56
CA GLN B 206 11.79 6.68 -25.32
C GLN B 206 10.75 6.08 -24.40
N LEU B 207 11.19 5.30 -23.43
CA LEU B 207 10.27 4.82 -22.41
C LEU B 207 9.78 5.98 -21.55
N LEU B 208 8.55 5.86 -21.08
CA LEU B 208 8.00 6.78 -20.09
C LEU B 208 7.94 6.05 -18.75
N PHE B 209 8.50 6.67 -17.71
CA PHE B 209 8.64 6.06 -16.40
C PHE B 209 7.75 6.75 -15.39
N PHE B 210 7.20 5.95 -14.49
CA PHE B 210 6.38 6.41 -13.38
C PHE B 210 7.29 6.41 -12.16
N ARG B 211 7.64 7.61 -11.67
CA ARG B 211 8.77 7.78 -10.77
C ARG B 211 8.36 8.16 -9.35
N SER B 212 9.05 7.55 -8.39
CA SER B 212 8.99 7.88 -6.97
C SER B 212 10.40 8.07 -6.42
N THR B 213 10.45 8.55 -5.19
CA THR B 213 11.67 8.69 -4.41
C THR B 213 11.53 7.81 -3.18
N MET B 214 12.35 6.76 -3.09
CA MET B 214 12.28 5.87 -1.95
C MET B 214 12.84 6.57 -0.72
N PRO B 215 12.26 6.35 0.44
CA PRO B 215 12.89 6.82 1.69
C PRO B 215 14.30 6.30 1.81
N GLY B 216 15.19 7.18 2.26
CA GLY B 216 16.56 6.80 2.61
C GLY B 216 16.73 6.71 4.12
N CYS B 217 17.39 5.65 4.57
CA CYS B 217 17.53 5.40 5.99
C CYS B 217 18.95 5.53 6.52
N SER B 218 19.93 5.75 5.65
CA SER B 218 21.31 5.85 6.10
C SER B 218 22.21 6.05 4.90
N GLY B 219 23.25 6.87 5.04
CA GLY B 219 24.17 7.07 3.93
C GLY B 219 23.61 7.97 2.85
N TYR B 220 24.13 7.76 1.63
CA TYR B 220 23.81 8.59 0.48
C TYR B 220 23.25 7.71 -0.65
N PRO B 221 22.07 7.14 -0.46
CA PRO B 221 21.52 6.24 -1.48
C PRO B 221 20.98 6.98 -2.68
N ASN B 222 20.98 6.28 -3.82
CA ASN B 222 20.20 6.71 -4.99
C ASN B 222 18.76 6.31 -4.76
N MET B 223 17.91 7.27 -4.47
CA MET B 223 16.52 6.96 -4.10
C MET B 223 15.55 6.99 -5.26
N ASN B 224 16.00 7.23 -6.50
CA ASN B 224 15.08 7.21 -7.63
C ASN B 224 14.55 5.80 -7.87
N LEU B 225 13.25 5.69 -8.13
CA LEU B 225 12.65 4.40 -8.45
C LEU B 225 11.59 4.58 -9.53
N ASP B 226 11.86 4.01 -10.69
CA ASP B 226 11.00 4.12 -11.85
C ASP B 226 10.29 2.80 -12.09
N CYS B 227 8.97 2.84 -12.28
CA CYS B 227 8.24 1.65 -12.68
C CYS B 227 7.60 1.85 -14.05
N LEU B 228 7.28 0.73 -14.69
CA LEU B 228 6.72 0.81 -16.05
C LEU B 228 5.20 0.98 -16.05
N LEU B 229 4.52 0.56 -14.99
CA LEU B 229 3.07 0.66 -14.85
C LEU B 229 2.78 1.03 -13.41
N PRO B 230 1.85 1.95 -13.16
CA PRO B 230 1.36 2.13 -11.78
C PRO B 230 0.74 0.85 -11.25
N GLN B 231 0.86 0.62 -9.93
CA GLN B 231 0.23 -0.56 -9.37
C GLN B 231 -1.27 -0.59 -9.64
N GLU B 232 -1.92 0.59 -9.68
CA GLU B 232 -3.35 0.59 -9.95
C GLU B 232 -3.66 0.15 -11.37
N TRP B 233 -2.74 0.35 -12.31
CA TRP B 233 -2.94 -0.13 -13.68
C TRP B 233 -2.87 -1.64 -13.71
N VAL B 234 -1.90 -2.23 -13.01
CA VAL B 234 -1.83 -3.68 -12.85
C VAL B 234 -3.15 -4.24 -12.32
N GLN B 235 -3.64 -3.68 -11.20
CA GLN B 235 -4.90 -4.16 -10.64
C GLN B 235 -6.06 -4.02 -11.63
N HIS B 236 -6.10 -2.90 -12.37
CA HIS B 236 -7.18 -2.62 -13.31
C HIS B 236 -7.16 -3.63 -14.45
N PHE B 237 -5.99 -3.84 -15.06
CA PHE B 237 -5.93 -4.78 -16.19
C PHE B 237 -6.29 -6.19 -15.71
N TYR B 238 -5.82 -6.57 -14.51
CA TYR B 238 -6.11 -7.91 -14.01
C TYR B 238 -7.61 -8.15 -13.94
N GLN B 239 -8.36 -7.18 -13.45
CA GLN B 239 -9.80 -7.36 -13.28
C GLN B 239 -10.56 -7.21 -14.58
N GLU B 240 -10.17 -6.23 -15.41
CA GLU B 240 -10.93 -5.96 -16.64
C GLU B 240 -10.67 -7.03 -17.70
N ALA B 241 -9.42 -7.48 -17.83
CA ALA B 241 -9.05 -8.47 -18.83
C ALA B 241 -9.64 -8.16 -20.19
N ALA B 242 -9.59 -6.87 -20.56
CA ALA B 242 -10.08 -6.44 -21.87
C ALA B 242 -9.12 -6.90 -22.97
N PRO B 243 -9.62 -7.50 -24.05
CA PRO B 243 -8.72 -7.96 -25.11
C PRO B 243 -8.03 -6.82 -25.84
N ALA B 244 -6.76 -7.04 -26.16
CA ALA B 244 -6.00 -6.08 -26.93
C ALA B 244 -6.33 -6.26 -28.40
N GLN B 245 -6.87 -5.23 -29.03
CA GLN B 245 -7.25 -5.31 -30.43
C GLN B 245 -6.10 -5.02 -31.38
N SER B 246 -4.98 -4.51 -30.87
CA SER B 246 -3.71 -4.43 -31.58
C SER B 246 -2.61 -4.55 -30.54
N ASP B 247 -1.37 -4.38 -30.97
CA ASP B 247 -0.24 -4.42 -30.03
C ASP B 247 0.01 -3.08 -29.35
N VAL B 248 -0.72 -2.01 -29.70
CA VAL B 248 -0.39 -0.66 -29.26
C VAL B 248 -1.67 0.11 -28.94
N ALA B 249 -1.78 0.55 -27.70
CA ALA B 249 -2.89 1.38 -27.28
C ALA B 249 -2.44 2.83 -27.24
N LEU B 250 -3.18 3.71 -27.89
CA LEU B 250 -2.87 5.13 -27.90
C LEU B 250 -3.55 5.77 -26.70
N LEU B 251 -2.75 6.36 -25.81
CA LEU B 251 -3.25 7.11 -24.67
C LEU B 251 -2.96 8.59 -24.84
N ARG B 252 -3.91 9.40 -24.38
CA ARG B 252 -3.78 10.84 -24.27
C ARG B 252 -3.78 11.24 -22.80
N PHE B 253 -2.86 12.11 -22.44
CA PHE B 253 -2.78 12.64 -21.09
C PHE B 253 -3.52 13.97 -21.11
N VAL B 254 -4.59 14.05 -20.34
CA VAL B 254 -5.59 15.10 -20.48
C VAL B 254 -5.63 15.93 -19.21
N ASN B 255 -5.75 17.24 -19.39
CA ASN B 255 -6.04 18.14 -18.29
C ASN B 255 -7.56 18.29 -18.25
N PRO B 256 -8.25 17.70 -17.28
CA PRO B 256 -9.72 17.78 -17.26
C PRO B 256 -10.23 19.17 -16.92
N ASP B 257 -9.36 20.06 -16.46
CA ASP B 257 -9.76 21.44 -16.23
C ASP B 257 -10.01 22.15 -17.55
N THR B 258 -9.04 22.08 -18.45
CA THR B 258 -9.08 22.74 -19.75
C THR B 258 -9.62 21.86 -20.86
N GLY B 259 -9.67 20.55 -20.67
CA GLY B 259 -9.96 19.61 -21.74
C GLY B 259 -8.83 19.36 -22.70
N ARG B 260 -7.68 20.02 -22.52
CA ARG B 260 -6.61 19.98 -23.50
C ARG B 260 -5.73 18.76 -23.28
N VAL B 261 -5.24 18.19 -24.38
CA VAL B 261 -4.27 17.09 -24.33
C VAL B 261 -2.89 17.70 -24.10
N LEU B 262 -2.21 17.24 -23.06
CA LEU B 262 -0.85 17.69 -22.85
C LEU B 262 0.14 16.91 -23.71
N PHE B 263 -0.06 15.61 -23.82
CA PHE B 263 0.82 14.78 -24.64
C PHE B 263 0.11 13.46 -24.88
N GLU B 264 0.63 12.71 -25.85
CA GLU B 264 0.11 11.39 -26.15
C GLU B 264 1.23 10.37 -26.07
N CYS B 265 0.87 9.10 -25.86
CA CYS B 265 1.87 8.08 -25.65
C CYS B 265 1.30 6.74 -26.12
N LYS B 266 2.18 5.77 -26.26
CA LYS B 266 1.84 4.39 -26.62
C LYS B 266 1.94 3.52 -25.38
N LEU B 267 0.85 2.84 -25.05
CA LEU B 267 0.87 1.77 -24.04
C LEU B 267 0.94 0.46 -24.82
N HIS B 268 2.07 -0.21 -24.74
CA HIS B 268 2.27 -1.46 -25.46
C HIS B 268 1.53 -2.59 -24.76
N LYS B 269 0.98 -3.50 -25.57
CA LYS B 269 0.17 -4.58 -25.05
C LYS B 269 0.92 -5.38 -24.00
N SER B 270 2.22 -5.52 -24.15
CA SER B 270 3.00 -6.29 -23.19
C SER B 270 3.30 -5.51 -21.91
N GLY B 271 2.85 -4.27 -21.81
CA GLY B 271 2.79 -3.57 -20.53
C GLY B 271 3.88 -2.58 -20.22
N TYR B 272 4.06 -1.57 -21.08
CA TYR B 272 4.95 -0.44 -20.82
C TYR B 272 4.56 0.69 -21.77
N VAL B 273 5.10 1.87 -21.51
CA VAL B 273 4.67 3.08 -22.19
C VAL B 273 5.86 3.74 -22.88
N THR B 274 5.64 4.26 -24.10
CA THR B 274 6.65 5.07 -24.77
C THR B 274 6.07 6.43 -25.18
N VAL B 275 6.98 7.40 -25.34
CA VAL B 275 6.68 8.75 -25.79
C VAL B 275 7.67 9.12 -26.88
N ALA B 276 7.33 10.13 -27.67
CA ALA B 276 8.23 10.67 -28.68
C ALA B 276 8.98 11.83 -28.05
N HIS B 277 10.21 11.57 -27.62
CA HIS B 277 11.08 12.55 -27.00
C HIS B 277 12.50 12.03 -27.05
N THR B 278 13.46 12.96 -27.13
CA THR B 278 14.88 12.63 -27.07
C THR B 278 15.53 13.44 -25.96
N GLY B 279 16.13 12.76 -24.99
CA GLY B 279 16.75 13.44 -23.87
C GLY B 279 16.10 13.10 -22.55
N GLN B 280 16.82 13.39 -21.47
CA GLN B 280 16.23 13.27 -20.14
C GLN B 280 15.27 14.41 -19.88
N HIS B 281 14.09 14.09 -19.38
CA HIS B 281 13.09 15.13 -19.16
C HIS B 281 12.15 14.77 -18.03
N ASP B 282 12.06 15.67 -17.04
CA ASP B 282 11.03 15.61 -16.01
C ASP B 282 9.77 16.27 -16.54
N LEU B 283 8.71 15.49 -16.75
CA LEU B 283 7.49 16.06 -17.29
C LEU B 283 6.87 17.04 -16.32
N VAL B 284 6.38 18.16 -16.85
CA VAL B 284 5.62 19.15 -16.10
C VAL B 284 4.15 18.90 -16.41
N ILE B 285 3.38 18.50 -15.41
CA ILE B 285 2.00 18.14 -15.66
C ILE B 285 1.04 18.88 -14.73
N PRO B 286 -0.18 19.14 -15.16
CA PRO B 286 -1.19 19.63 -14.22
C PRO B 286 -1.52 18.55 -13.22
N PRO B 287 -1.67 18.89 -11.95
CA PRO B 287 -1.83 17.85 -10.94
C PRO B 287 -3.12 17.07 -11.08
N ASN B 288 -4.10 17.60 -11.82
CA ASN B 288 -5.35 16.90 -12.08
C ASN B 288 -5.32 16.12 -13.39
N GLY B 289 -4.19 16.09 -14.09
CA GLY B 289 -4.10 15.36 -15.33
C GLY B 289 -4.19 13.86 -15.13
N TYR B 290 -4.61 13.16 -16.19
CA TYR B 290 -4.76 11.71 -16.13
C TYR B 290 -4.71 11.15 -17.53
N PHE B 291 -4.48 9.84 -17.62
CA PHE B 291 -4.35 9.15 -18.89
C PHE B 291 -5.71 8.63 -19.35
N ARG B 292 -5.95 8.71 -20.66
CA ARG B 292 -7.21 8.31 -21.27
C ARG B 292 -6.89 7.49 -22.52
N PHE B 293 -7.41 6.27 -22.57
CA PHE B 293 -7.26 5.43 -23.75
C PHE B 293 -8.19 5.92 -24.84
N ASP B 294 -7.65 6.13 -26.03
CA ASP B 294 -8.43 6.62 -27.16
C ASP B 294 -8.61 5.60 -28.27
N SER B 295 -7.59 4.85 -28.67
CA SER B 295 -7.80 3.82 -29.70
C SER B 295 -6.63 2.84 -29.76
N TRP B 296 -6.92 1.67 -30.32
CA TRP B 296 -5.89 0.72 -30.72
C TRP B 296 -5.34 1.14 -32.08
N VAL B 297 -4.02 1.24 -32.19
CA VAL B 297 -3.41 1.69 -33.43
C VAL B 297 -2.45 0.65 -33.97
N ASN B 298 -2.10 0.80 -35.24
CA ASN B 298 -1.25 -0.19 -35.89
C ASN B 298 0.21 0.12 -35.55
N GLN B 299 1.12 -0.56 -36.25
CA GLN B 299 2.54 -0.46 -35.91
C GLN B 299 3.23 0.74 -36.49
N PHE B 300 2.50 1.56 -37.25
CA PHE B 300 3.09 2.66 -38.00
C PHE B 300 2.68 4.02 -37.47
N TYR B 301 2.23 4.08 -36.21
CA TYR B 301 1.70 5.31 -35.65
C TYR B 301 2.83 6.16 -35.11
N THR B 302 2.94 7.39 -35.62
CA THR B 302 3.92 8.35 -35.17
C THR B 302 3.26 9.29 -34.17
N LEU B 303 3.74 9.23 -32.92
CA LEU B 303 3.24 10.09 -31.88
C LEU B 303 3.67 11.54 -32.10
N ALA B 304 2.79 12.45 -31.70
CA ALA B 304 3.16 13.86 -31.66
C ALA B 304 4.31 14.03 -30.68
N PRO B 305 5.39 14.71 -31.08
CA PRO B 305 6.49 14.98 -30.14
C PRO B 305 5.99 15.52 -28.81
N MET B 306 6.58 15.02 -27.71
CA MET B 306 6.20 15.52 -26.39
C MET B 306 7.32 16.48 -25.96
#